data_3O1V
#
_entry.id   3O1V
#
_cell.length_a   41.582
_cell.length_b   76.240
_cell.length_c   52.413
_cell.angle_alpha   90.00
_cell.angle_beta   108.04
_cell.angle_gamma   90.00
#
_symmetry.space_group_name_H-M   'P 1 21 1'
#
loop_
_entity.id
_entity.type
_entity.pdbx_description
1 polymer 'Alpha-ketoglutarate-dependent dioxygenase AlkB'
2 polymer "DNA (5'-D(*AP*GP*GP*TP*AP*AP*(MDJ)P*AP*CP*CP*GP*T)-3')"
3 polymer "DNA (5'-D(*AP*AP*CP*GP*GP*TP*AP*TP*TP*AP*CP*CP*T)-3')"
4 non-polymer 'FE (III) ION'
5 non-polymer 'SUCCINIC ACID'
6 water water
#
loop_
_entity_poly.entity_id
_entity_poly.type
_entity_poly.pdbx_seq_one_letter_code
_entity_poly.pdbx_strand_id
1 'polypeptide(L)'
;MQEPLAAGAVILRRFAFNAAEQLIRDINDVASQSPFRQMVTPGGYTMSVAMTNCGHLGWTTHRQGYLYSPIDPQTNKPWP
AMPQSFHNLCQRAATAAGYPDFQPDACLINRYAPGAKLCLHQDKDEPDLRAPIVSVSLGLPAIFQFGGLKRNDPLKRLLL
EHGDVVVWGGESRLFYHGIQPLKAGFHPLTIDCRYNLTFRQAGKKE
;
A
2 'polydeoxyribonucleotide' (DA)(DG)(DG)(DT)(DA)(DA)(MDJ)(DA)(2YR)(DC)(DG)(DT) B
3 'polydeoxyribonucleotide' (DA)(DA)(DC)(DG)(DG)(DT)(DA)(DT)(DT)(DA)(DC)(DC)(DT) C
#
loop_
_chem_comp.id
_chem_comp.type
_chem_comp.name
_chem_comp.formula
2YR non-polymer '2'-deoxy-N-(2-sulfanylethyl)cytidine 5'-(dihydrogen phosphate)' 'C11 H18 N3 O7 P S'
DA DNA linking 2'-DEOXYADENOSINE-5'-MONOPHOSPHATE 'C10 H14 N5 O6 P'
DC DNA linking 2'-DEOXYCYTIDINE-5'-MONOPHOSPHATE 'C9 H14 N3 O7 P'
DG DNA linking 2'-DEOXYGUANOSINE-5'-MONOPHOSPHATE 'C10 H14 N5 O7 P'
DT DNA linking THYMIDINE-5'-MONOPHOSPHATE 'C10 H15 N2 O8 P'
FE non-polymer 'FE (III) ION' 'Fe 3'
MDJ DNA linking 4-amino-1-(2-deoxy-5-O-phosphono-beta-D-erythro-pentofuranosyl)-3-(hydroxymethyl)pyridin-2(1H)-one 'C11 H17 N2 O8 P'
SIN non-polymer 'SUCCINIC ACID' 'C4 H6 O4'
#
# COMPACT_ATOMS: atom_id res chain seq x y z
N PRO A 4 6.96 -1.12 -19.72
CA PRO A 4 5.57 -0.86 -19.38
C PRO A 4 4.97 -2.02 -18.61
N LEU A 5 4.80 -1.89 -17.30
CA LEU A 5 4.11 -2.95 -16.53
C LEU A 5 2.74 -3.40 -17.13
N ALA A 6 1.86 -2.47 -17.50
CA ALA A 6 0.61 -2.81 -18.22
C ALA A 6 0.03 -1.51 -18.75
N ALA A 7 -1.11 -1.50 -19.43
CA ALA A 7 -1.66 -0.22 -19.85
C ALA A 7 -2.04 0.61 -18.61
N GLY A 8 -1.49 1.81 -18.47
CA GLY A 8 -1.78 2.62 -17.28
C GLY A 8 -0.90 2.39 -16.07
N ALA A 9 0.10 1.51 -16.19
CA ALA A 9 0.85 1.05 -14.99
C ALA A 9 2.35 1.12 -15.20
N VAL A 10 3.09 1.53 -14.17
CA VAL A 10 4.53 1.63 -14.26
CA VAL A 10 4.52 1.48 -14.29
C VAL A 10 5.21 1.12 -13.00
N ILE A 11 6.40 0.54 -13.15
CA ILE A 11 7.27 0.44 -12.00
C ILE A 11 8.44 1.46 -12.11
N LEU A 12 8.71 2.13 -11.01
CA LEU A 12 9.70 3.17 -10.97
C LEU A 12 10.75 2.67 -10.00
N ARG A 13 11.73 1.93 -10.52
CA ARG A 13 12.66 1.27 -9.60
C ARG A 13 13.54 2.21 -8.81
N ARG A 14 13.69 1.96 -7.51
CA ARG A 14 14.47 2.79 -6.58
C ARG A 14 14.03 4.24 -6.53
N PHE A 15 12.84 4.55 -7.02
CA PHE A 15 12.34 5.95 -7.02
C PHE A 15 12.38 6.62 -5.62
N ALA A 16 11.98 5.90 -4.58
CA ALA A 16 11.92 6.39 -3.18
C ALA A 16 13.18 6.08 -2.37
N PHE A 17 14.25 5.61 -3.01
CA PHE A 17 15.41 5.12 -2.25
C PHE A 17 16.01 6.29 -1.41
N ASN A 18 16.16 7.47 -1.99
CA ASN A 18 16.69 8.62 -1.23
C ASN A 18 15.75 9.15 -0.15
N ALA A 19 14.45 8.93 -0.29
CA ALA A 19 13.50 9.40 0.72
C ALA A 19 13.20 8.39 1.83
N ALA A 20 13.68 7.16 1.64
CA ALA A 20 13.34 6.04 2.51
C ALA A 20 13.68 6.26 4.01
N GLU A 21 14.82 6.87 4.32
CA GLU A 21 15.12 7.01 5.73
C GLU A 21 14.06 7.85 6.42
N GLN A 22 13.68 8.97 5.79
CA GLN A 22 12.70 9.86 6.40
C GLN A 22 11.37 9.13 6.41
N LEU A 23 11.07 8.39 5.36
CA LEU A 23 9.77 7.70 5.29
C LEU A 23 9.67 6.78 6.47
N ILE A 24 10.76 6.08 6.78
CA ILE A 24 10.70 5.08 7.85
C ILE A 24 10.55 5.72 9.23
N ARG A 25 11.25 6.84 9.47
CA ARG A 25 10.99 7.63 10.71
C ARG A 25 9.53 8.00 10.82
N ASP A 26 8.95 8.48 9.73
CA ASP A 26 7.54 8.85 9.80
C ASP A 26 6.58 7.65 9.96
N ILE A 27 6.92 6.50 9.37
CA ILE A 27 6.07 5.31 9.65
C ILE A 27 6.07 4.98 11.18
N ASN A 28 7.23 5.13 11.82
CA ASN A 28 7.36 4.88 13.26
C ASN A 28 6.47 5.87 14.03
N ASP A 29 6.43 7.11 13.57
CA ASP A 29 5.62 8.13 14.24
C ASP A 29 4.13 7.83 14.07
N VAL A 30 3.70 7.55 12.83
CA VAL A 30 2.31 7.14 12.58
C VAL A 30 1.90 5.99 13.54
N ALA A 31 2.73 4.94 13.57
CA ALA A 31 2.45 3.74 14.38
C ALA A 31 2.46 4.00 15.89
N SER A 32 3.14 5.04 16.35
CA SER A 32 3.16 5.27 17.80
C SER A 32 1.79 5.82 18.27
N GLN A 33 0.97 6.30 17.34
CA GLN A 33 -0.42 6.77 17.57
C GLN A 33 -1.51 5.74 17.18
N SER A 34 -1.46 5.20 15.94
CA SER A 34 -2.36 4.11 15.56
C SER A 34 -1.47 2.88 15.32
N PRO A 35 -1.30 2.02 16.34
CA PRO A 35 -0.32 0.92 16.24
C PRO A 35 -0.62 -0.01 15.05
N PHE A 36 0.37 -0.76 14.56
CA PHE A 36 0.06 -1.85 13.65
C PHE A 36 -0.84 -2.91 14.31
N ARG A 37 -1.78 -3.47 13.56
CA ARG A 37 -2.58 -4.58 14.05
C ARG A 37 -2.91 -5.48 12.87
N GLN A 38 -3.05 -6.77 13.11
CA GLN A 38 -3.45 -7.71 12.05
C GLN A 38 -4.94 -7.74 12.08
N MET A 39 -5.59 -7.34 10.99
CA MET A 39 -7.03 -7.17 11.01
C MET A 39 -7.70 -8.49 10.68
N VAL A 40 -8.96 -8.62 11.08
CA VAL A 40 -9.72 -9.88 10.90
C VAL A 40 -10.71 -9.76 9.74
N THR A 41 -10.67 -10.69 8.80
CA THR A 41 -11.60 -10.57 7.69
C THR A 41 -13.05 -10.76 8.16
N PRO A 42 -14.03 -10.38 7.29
CA PRO A 42 -15.40 -10.59 7.59
C PRO A 42 -15.64 -12.06 7.92
N GLY A 43 -15.02 -12.97 7.17
CA GLY A 43 -15.20 -14.37 7.38
C GLY A 43 -14.48 -14.94 8.60
N GLY A 44 -13.69 -14.13 9.29
CA GLY A 44 -13.14 -14.54 10.61
C GLY A 44 -11.67 -14.95 10.70
N TYR A 45 -10.94 -14.81 9.59
CA TYR A 45 -9.49 -15.10 9.54
C TYR A 45 -8.60 -13.89 9.78
N THR A 46 -7.56 -14.05 10.61
CA THR A 46 -6.62 -12.99 10.92
C THR A 46 -5.56 -12.87 9.83
N MET A 47 -5.48 -11.72 9.22
CA MET A 47 -4.50 -11.42 8.13
C MET A 47 -3.08 -11.57 8.63
N SER A 48 -2.17 -12.01 7.75
CA SER A 48 -0.79 -12.27 8.18
C SER A 48 -0.05 -10.92 8.15
N VAL A 49 -0.52 -9.98 7.32
CA VAL A 49 0.09 -8.65 7.23
CA VAL A 49 0.12 -8.67 7.27
C VAL A 49 -0.49 -7.82 8.36
N ALA A 50 0.38 -7.04 9.03
CA ALA A 50 -0.08 -6.10 10.05
C ALA A 50 -0.28 -4.77 9.36
N MET A 51 -1.24 -3.98 9.81
CA MET A 51 -1.62 -2.75 9.10
C MET A 51 -1.89 -1.58 10.05
N THR A 52 -1.78 -0.39 9.47
CA THR A 52 -2.31 0.84 10.08
C THR A 52 -2.53 1.83 8.92
N ASN A 53 -3.00 3.04 9.21
CA ASN A 53 -3.33 4.00 8.19
C ASN A 53 -2.94 5.40 8.65
N CYS A 54 -2.70 6.32 7.70
CA CYS A 54 -2.65 7.76 8.04
C CYS A 54 -3.44 8.49 6.97
N GLY A 55 -3.67 9.77 7.18
CA GLY A 55 -4.50 10.57 6.28
C GLY A 55 -5.91 10.73 6.85
N HIS A 56 -6.81 11.23 6.03
CA HIS A 56 -8.14 11.57 6.45
C HIS A 56 -9.08 10.36 6.48
N LEU A 57 -8.81 9.36 5.63
CA LEU A 57 -9.54 8.07 5.58
C LEU A 57 -8.56 6.88 5.68
N GLY A 58 -9.00 5.84 6.37
CA GLY A 58 -8.18 4.64 6.61
C GLY A 58 -8.96 3.40 6.19
N TRP A 59 -8.32 2.50 5.44
CA TRP A 59 -8.92 1.22 5.09
C TRP A 59 -8.99 0.21 6.27
N THR A 60 -10.12 -0.48 6.36
CA THR A 60 -10.37 -1.27 7.52
C THR A 60 -11.38 -2.39 7.14
N THR A 61 -11.28 -3.53 7.85
CA THR A 61 -12.29 -4.58 7.79
C THR A 61 -13.30 -4.42 8.90
N HIS A 62 -14.45 -5.01 8.67
CA HIS A 62 -15.58 -4.84 9.53
C HIS A 62 -16.14 -6.26 9.55
N ARG A 63 -17.10 -6.55 10.43
CA ARG A 63 -17.85 -7.77 10.28
C ARG A 63 -18.59 -7.69 8.95
N GLN A 64 -19.09 -6.49 8.61
CA GLN A 64 -19.94 -6.35 7.43
C GLN A 64 -19.22 -6.28 6.08
N GLY A 65 -17.89 -6.27 6.07
CA GLY A 65 -17.20 -6.03 4.80
C GLY A 65 -15.97 -5.16 4.99
N TYR A 66 -15.54 -4.49 3.92
CA TYR A 66 -14.38 -3.61 3.94
C TYR A 66 -14.92 -2.17 3.95
N LEU A 67 -14.15 -1.25 4.52
N LEU A 67 -14.20 -1.24 4.58
CA LEU A 67 -14.58 0.14 4.43
CA LEU A 67 -14.72 0.13 4.78
C LEU A 67 -13.49 1.14 4.71
C LEU A 67 -13.61 1.19 4.93
N TYR A 68 -13.75 2.36 4.32
CA TYR A 68 -12.83 3.45 4.65
C TYR A 68 -13.44 4.24 5.80
N SER A 69 -12.66 4.55 6.85
CA SER A 69 -13.23 5.29 7.99
C SER A 69 -12.31 6.40 8.39
N PRO A 70 -12.87 7.56 8.88
CA PRO A 70 -12.02 8.64 9.36
C PRO A 70 -11.50 8.31 10.75
N ILE A 71 -12.06 7.28 11.39
CA ILE A 71 -11.72 6.90 12.79
C ILE A 71 -10.99 5.56 12.90
N ASP A 72 -9.89 5.51 13.64
CA ASP A 72 -9.23 4.19 13.93
C ASP A 72 -10.13 3.40 14.90
N PRO A 73 -10.70 2.26 14.47
CA PRO A 73 -11.63 1.60 15.35
C PRO A 73 -11.00 0.91 16.58
N GLN A 74 -9.69 0.82 16.60
CA GLN A 74 -8.99 0.30 17.74
C GLN A 74 -8.73 1.36 18.80
N THR A 75 -8.41 2.60 18.40
CA THR A 75 -8.12 3.68 19.36
C THR A 75 -9.36 4.52 19.57
N ASN A 76 -10.30 4.48 18.61
CA ASN A 76 -11.44 5.47 18.56
C ASN A 76 -11.06 6.95 18.32
N LYS A 77 -9.87 7.18 17.79
CA LYS A 77 -9.39 8.50 17.47
C LYS A 77 -9.12 8.60 15.95
N PRO A 78 -9.08 9.83 15.40
CA PRO A 78 -8.74 10.00 13.97
C PRO A 78 -7.40 9.28 13.68
N TRP A 79 -7.24 8.75 12.49
CA TRP A 79 -5.93 8.22 12.10
C TRP A 79 -4.95 9.42 12.15
N PRO A 80 -3.65 9.16 12.34
CA PRO A 80 -2.66 10.25 12.24
C PRO A 80 -2.74 10.98 10.88
N ALA A 81 -2.47 12.30 10.86
CA ALA A 81 -2.38 13.09 9.62
C ALA A 81 -1.33 12.47 8.70
N MET A 82 -1.55 12.58 7.40
CA MET A 82 -0.55 12.05 6.47
C MET A 82 0.71 12.95 6.56
N PRO A 83 1.88 12.37 6.87
CA PRO A 83 3.12 13.11 6.90
C PRO A 83 3.45 13.80 5.57
N GLN A 84 4.05 14.98 5.66
CA GLN A 84 4.42 15.69 4.43
C GLN A 84 5.42 14.87 3.59
N SER A 85 6.33 14.13 4.23
CA SER A 85 7.29 13.31 3.53
C SER A 85 6.59 12.27 2.63
N PHE A 86 5.49 11.69 3.13
CA PHE A 86 4.64 10.75 2.36
C PHE A 86 3.93 11.45 1.24
N HIS A 87 3.32 12.58 1.54
CA HIS A 87 2.52 13.24 0.49
C HIS A 87 3.44 13.80 -0.64
N ASN A 88 4.62 14.29 -0.27
CA ASN A 88 5.52 14.77 -1.28
C ASN A 88 6.07 13.68 -2.24
N LEU A 89 6.45 12.53 -1.67
CA LEU A 89 6.95 11.46 -2.47
CA LEU A 89 6.94 11.41 -2.46
C LEU A 89 5.85 10.90 -3.36
N CYS A 90 4.64 10.80 -2.82
CA CYS A 90 3.52 10.30 -3.58
C CYS A 90 3.24 11.20 -4.83
N GLN A 91 3.19 12.51 -4.60
CA GLN A 91 2.96 13.50 -5.66
C GLN A 91 4.06 13.44 -6.76
N ARG A 92 5.33 13.37 -6.35
CA ARG A 92 6.37 13.18 -7.38
C ARG A 92 6.30 11.82 -8.10
N ALA A 93 5.97 10.74 -7.43
CA ALA A 93 5.91 9.40 -8.14
C ALA A 93 4.73 9.36 -9.10
N ALA A 94 3.59 9.87 -8.64
CA ALA A 94 2.41 9.98 -9.48
C ALA A 94 2.69 10.75 -10.74
N THR A 95 3.36 11.90 -10.61
CA THR A 95 3.66 12.78 -11.71
C THR A 95 4.55 12.06 -12.74
N ALA A 96 5.55 11.38 -12.23
CA ALA A 96 6.51 10.63 -13.06
C ALA A 96 5.86 9.46 -13.78
N ALA A 97 4.80 8.92 -13.20
CA ALA A 97 4.09 7.80 -13.84
C ALA A 97 2.95 8.25 -14.75
N GLY A 98 2.70 9.55 -14.80
CA GLY A 98 1.77 10.12 -15.78
C GLY A 98 0.44 10.51 -15.15
N TYR A 99 0.43 10.72 -13.85
CA TYR A 99 -0.79 11.04 -13.17
C TYR A 99 -0.57 12.31 -12.34
N PRO A 100 -0.37 13.46 -13.04
CA PRO A 100 -0.03 14.74 -12.43
C PRO A 100 -1.13 15.31 -11.53
N ASP A 101 -2.39 14.84 -11.60
CA ASP A 101 -3.43 15.41 -10.69
C ASP A 101 -3.89 14.61 -9.44
N PHE A 102 -3.29 13.45 -9.20
CA PHE A 102 -3.64 12.62 -8.07
C PHE A 102 -3.55 13.35 -6.73
N GLN A 103 -4.59 13.21 -5.92
CA GLN A 103 -4.68 13.85 -4.59
C GLN A 103 -5.09 12.82 -3.59
N PRO A 104 -4.13 12.11 -2.97
CA PRO A 104 -4.53 11.08 -2.05
C PRO A 104 -5.00 11.61 -0.73
N ASP A 105 -5.97 10.93 -0.12
CA ASP A 105 -6.44 11.34 1.21
C ASP A 105 -6.38 10.16 2.16
N ALA A 106 -5.63 9.11 1.77
CA ALA A 106 -5.58 7.90 2.53
C ALA A 106 -4.28 7.18 2.17
N CYS A 107 -3.64 6.66 3.22
CA CYS A 107 -2.47 5.83 3.00
C CYS A 107 -2.51 4.64 3.93
N LEU A 108 -2.63 3.43 3.35
CA LEU A 108 -2.58 2.23 4.14
C LEU A 108 -1.15 1.77 4.24
N ILE A 109 -0.73 1.41 5.45
CA ILE A 109 0.66 1.03 5.68
C ILE A 109 0.72 -0.43 6.10
N ASN A 110 1.30 -1.30 5.26
CA ASN A 110 1.40 -2.74 5.53
C ASN A 110 2.81 -3.06 6.01
N ARG A 111 2.90 -3.94 7.02
CA ARG A 111 4.15 -4.46 7.52
C ARG A 111 4.13 -6.01 7.42
N TYR A 112 5.11 -6.53 6.66
CA TYR A 112 5.31 -7.96 6.46
C TYR A 112 6.44 -8.54 7.32
N ALA A 113 6.12 -9.52 8.14
CA ALA A 113 7.14 -10.34 8.83
C ALA A 113 7.44 -11.52 7.89
N PRO A 114 8.53 -12.29 8.14
CA PRO A 114 8.72 -13.48 7.28
C PRO A 114 7.50 -14.35 7.26
N GLY A 115 7.11 -14.86 6.09
CA GLY A 115 5.92 -15.73 6.05
C GLY A 115 4.63 -15.01 5.65
N ALA A 116 4.57 -13.69 5.88
CA ALA A 116 3.36 -12.92 5.61
C ALA A 116 3.10 -12.73 4.10
N LYS A 117 1.83 -12.72 3.69
CA LYS A 117 1.49 -12.71 2.29
C LYS A 117 0.22 -11.88 2.09
N LEU A 118 -0.08 -11.59 0.84
CA LEU A 118 -1.35 -10.94 0.53
C LEU A 118 -1.85 -11.56 -0.73
N CYS A 119 -2.96 -12.30 -0.59
CA CYS A 119 -3.56 -13.05 -1.69
C CYS A 119 -4.18 -12.15 -2.75
N LEU A 120 -4.26 -12.66 -3.98
CA LEU A 120 -4.70 -11.79 -5.09
C LEU A 120 -5.99 -11.09 -4.80
N HIS A 121 -6.03 -9.80 -4.98
CA HIS A 121 -7.26 -9.08 -4.74
C HIS A 121 -7.29 -7.87 -5.65
N GLN A 122 -8.41 -7.16 -5.63
CA GLN A 122 -8.54 -5.91 -6.40
C GLN A 122 -8.72 -4.79 -5.40
N ASP A 123 -8.14 -3.61 -5.65
CA ASP A 123 -8.49 -2.45 -4.84
C ASP A 123 -9.71 -1.78 -5.42
N LYS A 124 -10.87 -1.96 -4.80
CA LYS A 124 -12.00 -1.41 -5.48
C LYS A 124 -12.96 -0.65 -4.59
N ASP A 125 -12.49 -0.30 -3.39
CA ASP A 125 -13.32 0.41 -2.38
C ASP A 125 -13.37 1.93 -2.56
N GLU A 126 -12.58 2.45 -3.50
CA GLU A 126 -12.49 3.86 -3.74
C GLU A 126 -13.62 4.27 -4.69
N PRO A 127 -14.41 5.29 -4.31
CA PRO A 127 -15.54 5.76 -5.14
C PRO A 127 -15.15 6.31 -6.52
N ASP A 128 -14.00 6.96 -6.63
CA ASP A 128 -13.58 7.56 -7.87
C ASP A 128 -12.42 6.75 -8.43
N LEU A 129 -12.76 5.82 -9.31
CA LEU A 129 -11.79 4.87 -9.88
C LEU A 129 -10.86 5.51 -10.91
N ARG A 130 -11.12 6.79 -11.22
CA ARG A 130 -10.26 7.57 -12.12
C ARG A 130 -8.86 7.83 -11.52
N ALA A 131 -8.77 7.90 -10.20
CA ALA A 131 -7.47 8.13 -9.53
C ALA A 131 -6.67 6.82 -9.42
N PRO A 132 -5.32 6.87 -9.56
CA PRO A 132 -4.49 5.68 -9.53
C PRO A 132 -4.25 5.20 -8.11
N ILE A 133 -3.59 4.06 -8.00
CA ILE A 133 -3.04 3.65 -6.71
C ILE A 133 -1.52 3.86 -6.80
N VAL A 134 -0.92 4.39 -5.72
CA VAL A 134 0.51 4.52 -5.71
C VAL A 134 1.04 3.64 -4.57
N SER A 135 1.98 2.74 -4.87
CA SER A 135 2.49 1.72 -3.91
C SER A 135 4.00 1.84 -3.74
N VAL A 136 4.46 2.18 -2.54
CA VAL A 136 5.89 2.36 -2.23
C VAL A 136 6.44 1.18 -1.37
N SER A 137 7.52 0.54 -1.84
CA SER A 137 8.17 -0.60 -1.06
C SER A 137 9.36 -0.21 -0.25
N LEU A 138 9.43 -0.66 1.03
CA LEU A 138 10.60 -0.43 1.89
C LEU A 138 11.10 -1.70 2.63
N GLY A 139 12.41 -1.76 2.86
CA GLY A 139 13.03 -2.93 3.57
C GLY A 139 13.19 -4.19 2.68
N LEU A 140 12.84 -5.37 3.25
CA LEU A 140 13.09 -6.68 2.62
C LEU A 140 12.39 -6.81 1.28
N PRO A 141 12.96 -7.61 0.34
CA PRO A 141 12.31 -7.65 -0.99
C PRO A 141 11.15 -8.67 -1.00
N ALA A 142 10.23 -8.57 -1.97
CA ALA A 142 9.05 -9.40 -1.98
C ALA A 142 8.66 -9.57 -3.45
N ILE A 143 7.99 -10.66 -3.77
CA ILE A 143 7.55 -10.89 -5.13
C ILE A 143 6.13 -10.41 -5.25
N PHE A 144 5.94 -9.47 -6.17
CA PHE A 144 4.62 -8.84 -6.47
C PHE A 144 4.01 -9.59 -7.65
N GLN A 145 2.76 -10.05 -7.49
CA GLN A 145 1.95 -10.55 -8.59
C GLN A 145 1.07 -9.45 -9.17
N PHE A 146 1.00 -9.38 -10.49
CA PHE A 146 0.17 -8.34 -11.14
C PHE A 146 -0.50 -9.02 -12.34
N GLY A 147 -1.81 -9.22 -12.22
CA GLY A 147 -2.62 -9.98 -13.19
C GLY A 147 -3.37 -9.08 -14.16
N GLY A 148 -4.65 -9.37 -14.39
CA GLY A 148 -5.54 -8.53 -15.16
C GLY A 148 -6.92 -8.42 -14.52
N LEU A 149 -7.93 -8.13 -15.33
CA LEU A 149 -9.26 -7.83 -14.81
C LEU A 149 -9.90 -9.07 -14.19
N LYS A 150 -9.54 -10.26 -14.71
CA LYS A 150 -10.09 -11.53 -14.21
C LYS A 150 -9.05 -12.28 -13.33
N ARG A 151 -9.54 -12.90 -12.27
CA ARG A 151 -8.67 -13.59 -11.32
C ARG A 151 -7.78 -14.63 -11.98
N ASN A 152 -8.26 -15.29 -13.04
CA ASN A 152 -7.46 -16.32 -13.71
C ASN A 152 -6.52 -15.83 -14.81
N ASP A 153 -6.50 -14.53 -15.05
CA ASP A 153 -5.63 -13.95 -16.10
C ASP A 153 -4.17 -14.19 -15.69
N PRO A 154 -3.26 -14.42 -16.66
CA PRO A 154 -1.89 -14.80 -16.25
C PRO A 154 -1.18 -13.72 -15.44
N LEU A 155 -0.30 -14.12 -14.51
CA LEU A 155 0.33 -13.15 -13.65
C LEU A 155 1.71 -12.81 -14.15
N LYS A 156 2.09 -11.55 -13.99
CA LYS A 156 3.49 -11.22 -14.03
C LYS A 156 3.97 -11.28 -12.59
N ARG A 157 5.18 -11.79 -12.37
CA ARG A 157 5.80 -11.74 -11.06
C ARG A 157 7.01 -10.78 -11.10
N LEU A 158 7.09 -9.86 -10.16
CA LEU A 158 8.20 -8.91 -10.11
C LEU A 158 8.75 -8.77 -8.74
N LEU A 159 10.06 -8.87 -8.63
CA LEU A 159 10.71 -8.54 -7.37
C LEU A 159 10.60 -7.03 -7.16
N LEU A 160 10.07 -6.67 -6.00
CA LEU A 160 10.06 -5.30 -5.52
C LEU A 160 11.13 -5.10 -4.46
N GLU A 161 12.09 -4.25 -4.73
CA GLU A 161 13.14 -3.94 -3.76
C GLU A 161 12.97 -2.63 -3.03
N HIS A 162 13.74 -2.47 -1.96
CA HIS A 162 13.73 -1.24 -1.16
C HIS A 162 13.73 0.04 -2.04
N GLY A 163 12.65 0.83 -1.98
CA GLY A 163 12.62 2.07 -2.72
C GLY A 163 11.82 2.04 -4.01
N ASP A 164 11.42 0.85 -4.44
CA ASP A 164 10.63 0.70 -5.66
C ASP A 164 9.22 1.25 -5.44
N VAL A 165 8.69 1.95 -6.46
CA VAL A 165 7.35 2.46 -6.47
C VAL A 165 6.63 1.91 -7.69
N VAL A 166 5.47 1.32 -7.47
CA VAL A 166 4.57 0.89 -8.55
C VAL A 166 3.30 1.77 -8.54
N VAL A 167 2.78 2.12 -9.73
CA VAL A 167 1.59 2.97 -9.89
C VAL A 167 0.69 2.25 -10.90
N TRP A 168 -0.56 1.92 -10.51
CA TRP A 168 -1.52 1.48 -11.51
C TRP A 168 -2.78 2.36 -11.58
N GLY A 169 -3.41 2.42 -12.74
CA GLY A 169 -4.54 3.33 -12.91
C GLY A 169 -5.04 3.19 -14.34
N GLY A 170 -6.09 3.93 -14.67
CA GLY A 170 -6.74 3.81 -15.97
C GLY A 170 -7.14 2.39 -16.31
N GLU A 171 -6.74 1.94 -17.49
CA GLU A 171 -7.07 0.57 -17.89
C GLU A 171 -6.60 -0.51 -16.90
N SER A 172 -5.50 -0.30 -16.19
CA SER A 172 -5.11 -1.34 -15.21
C SER A 172 -5.65 -1.12 -13.81
N ARG A 173 -6.64 -0.24 -13.64
CA ARG A 173 -6.93 0.22 -12.25
C ARG A 173 -7.50 -0.88 -11.34
N LEU A 174 -8.27 -1.78 -11.93
CA LEU A 174 -8.97 -2.81 -11.18
C LEU A 174 -8.28 -4.20 -11.33
N PHE A 175 -7.05 -4.24 -11.85
CA PHE A 175 -6.31 -5.49 -12.02
C PHE A 175 -6.01 -6.16 -10.67
N TYR A 176 -6.08 -7.47 -10.66
CA TYR A 176 -5.74 -8.26 -9.47
C TYR A 176 -4.25 -8.24 -9.22
N HIS A 177 -3.88 -8.19 -7.95
CA HIS A 177 -2.50 -8.19 -7.57
C HIS A 177 -2.36 -8.68 -6.14
N GLY A 178 -1.11 -8.99 -5.78
CA GLY A 178 -0.82 -9.54 -4.47
C GLY A 178 0.64 -9.75 -4.19
N ILE A 179 0.92 -10.37 -3.04
CA ILE A 179 2.32 -10.51 -2.52
C ILE A 179 2.55 -11.97 -2.02
N GLN A 180 3.63 -12.56 -2.54
CA GLN A 180 3.96 -13.93 -2.19
C GLN A 180 4.60 -13.96 -0.80
N PRO A 181 4.47 -15.08 -0.07
CA PRO A 181 5.04 -15.19 1.29
C PRO A 181 6.48 -14.63 1.40
N LEU A 182 6.69 -13.66 2.29
CA LEU A 182 7.95 -12.95 2.46
C LEU A 182 9.06 -13.86 2.93
N LYS A 183 10.21 -13.85 2.23
CA LYS A 183 11.37 -14.64 2.63
CA LYS A 183 11.33 -14.67 2.66
C LYS A 183 12.06 -13.96 3.80
N ALA A 184 12.67 -14.73 4.70
CA ALA A 184 13.35 -14.12 5.84
C ALA A 184 14.63 -13.41 5.36
N GLY A 185 15.12 -12.41 6.10
CA GLY A 185 16.41 -11.80 5.78
C GLY A 185 16.67 -10.52 6.53
N PHE A 186 17.66 -9.75 6.07
CA PHE A 186 18.12 -8.58 6.79
C PHE A 186 18.12 -7.36 5.88
N HIS A 187 17.65 -6.24 6.40
CA HIS A 187 17.80 -4.95 5.72
C HIS A 187 18.30 -3.93 6.76
N PRO A 188 19.38 -3.18 6.46
CA PRO A 188 19.92 -2.28 7.49
C PRO A 188 18.94 -1.20 7.99
N LEU A 189 17.93 -0.83 7.19
CA LEU A 189 16.97 0.16 7.65
C LEU A 189 15.74 -0.39 8.37
N THR A 190 15.22 -1.54 7.93
CA THR A 190 14.04 -2.11 8.60
C THR A 190 14.37 -3.30 9.55
N ILE A 191 15.63 -3.74 9.56
CA ILE A 191 16.08 -5.01 10.24
C ILE A 191 15.51 -6.35 9.68
N ASP A 192 14.22 -6.61 9.86
CA ASP A 192 13.72 -7.96 9.55
C ASP A 192 12.33 -7.95 8.95
N CYS A 193 11.89 -6.80 8.42
CA CYS A 193 10.58 -6.73 7.78
C CYS A 193 10.55 -5.88 6.52
N ARG A 194 9.43 -6.01 5.81
CA ARG A 194 9.14 -5.14 4.70
C ARG A 194 7.95 -4.25 5.02
N TYR A 195 8.05 -2.95 4.68
CA TYR A 195 6.87 -2.11 4.66
C TYR A 195 6.42 -1.77 3.25
N ASN A 196 5.12 -1.56 3.12
CA ASN A 196 4.54 -1.02 1.89
C ASN A 196 3.57 0.11 2.21
N LEU A 197 3.71 1.26 1.53
CA LEU A 197 2.74 2.35 1.64
C LEU A 197 1.86 2.36 0.39
N THR A 198 0.55 2.15 0.52
CA THR A 198 -0.38 2.33 -0.61
CA THR A 198 -0.36 2.37 -0.62
C THR A 198 -1.25 3.61 -0.45
N PHE A 199 -1.00 4.61 -1.29
CA PHE A 199 -1.83 5.86 -1.40
C PHE A 199 -3.04 5.75 -2.28
N ARG A 200 -4.16 6.26 -1.79
CA ARG A 200 -5.42 6.19 -2.52
C ARG A 200 -6.19 7.46 -2.30
N GLN A 201 -7.03 7.77 -3.27
CA GLN A 201 -8.03 8.82 -3.14
C GLN A 201 -9.32 8.09 -2.71
N ALA A 202 -9.66 8.16 -1.42
CA ALA A 202 -10.75 7.30 -0.93
C ALA A 202 -12.07 8.06 -0.66
N GLY A 203 -12.00 9.39 -0.71
CA GLY A 203 -13.17 10.25 -0.44
C GLY A 203 -13.81 10.75 -1.72
N LYS A 204 -14.32 11.97 -1.67
CA LYS A 204 -14.94 12.61 -2.83
C LYS A 204 -16.07 11.74 -3.35
N LYS A 205 -15.85 11.33 -4.60
CA LYS A 205 -16.80 11.40 -5.69
C LYS A 205 -16.04 12.08 -6.82
P MDJ B 7 -10.23 -10.65 -1.37
N1 MDJ B 7 -7.28 -7.28 0.89
C2 MDJ B 7 -6.59 -6.04 1.08
O2 MDJ B 7 -5.56 -5.87 1.83
C3 MDJ B 7 -7.09 -4.88 0.54
C4 MDJ B 7 -8.19 -4.92 -0.27
N4 MDJ B 7 -8.66 -3.79 -0.83
C5 MDJ B 7 -8.84 -6.14 -0.51
C6 MDJ B 7 -8.36 -7.34 0.02
C1' MDJ B 7 -6.80 -8.61 1.33
O1P MDJ B 7 -11.10 -9.49 -0.94
C2' MDJ B 7 -7.89 -9.54 1.95
C20 MDJ B 7 -6.32 -3.63 0.89
O21 MDJ B 7 -6.69 -2.35 0.40
O2P MDJ B 7 -9.70 -10.59 -2.77
C3' MDJ B 7 -7.29 -10.94 1.73
O3' MDJ B 7 -6.15 -10.98 2.73
C4' MDJ B 7 -6.77 -10.85 0.36
O4' MDJ B 7 -6.60 -9.40 0.11
C5' MDJ B 7 -7.85 -11.43 -0.61
O5' MDJ B 7 -9.00 -10.62 -0.25
P 2YR B 9 -5.66 -17.53 5.53
OP1 2YR B 9 -5.07 -17.46 6.86
OP2 2YR B 9 -4.74 -17.33 4.40
O5' 2YR B 9 -6.53 -18.82 5.06
C5' 2YR B 9 -7.57 -19.22 5.95
C4' 2YR B 9 -8.14 -20.53 5.48
O4' 2YR B 9 -8.68 -20.22 4.15
C3' 2YR B 9 -7.19 -21.72 5.38
O3' 2YR B 9 -7.93 -22.86 5.96
C2' 2YR B 9 -6.94 -21.89 3.88
C1' 2YR B 9 -8.15 -21.18 3.26
N1 2YR B 9 -7.75 -20.50 1.98
C2 2YR B 9 -8.32 -20.94 0.78
O2 2YR B 9 -9.18 -21.81 0.76
N3 2YR B 9 -7.94 -20.37 -0.37
C4 2YR B 9 -7.03 -19.41 -0.39
N4 2YR B 9 -6.76 -18.94 -1.63
C5 2YR B 9 -6.40 -18.93 0.84
C6 2YR B 9 -6.81 -19.51 1.98
S 2YR B 9 -3.24 -16.84 -1.65
C8 2YR B 9 -4.44 -18.20 -1.96
C9 2YR B 9 -5.89 -17.77 -1.84
FE FE D . -3.96 -3.88 -3.21
C1 SIN E . -1.25 -3.96 -2.40
O1 SIN E . -2.07 -4.87 -2.56
O2 SIN E . -1.42 -2.91 -3.06
C2 SIN E . -0.09 -4.12 -1.47
C3 SIN E . 1.04 -4.74 -2.24
C4 SIN E . 2.36 -4.50 -1.50
O3 SIN E . 2.47 -4.69 -0.27
O4 SIN E . 3.39 -4.14 -2.10
#